data_6YNN
#
_entry.id   6YNN
#
_cell.length_a   39.800
_cell.length_b   103.810
_cell.length_c   42.060
_cell.angle_alpha   90.000
_cell.angle_beta   104.470
_cell.angle_gamma   90.000
#
_symmetry.space_group_name_H-M   'P 1 21 1'
#
loop_
_entity.id
_entity.type
_entity.pdbx_description
1 polymer YTHDC1
2 non-polymer 6-[[(2-chloranyl-6-fluoranyl-phenyl)methyl-methyl-amino]methyl]-1~{H}-pyrimidine-2,4-dione
3 non-polymer 'SULFATE ION'
4 water water
#
_entity_poly.entity_id   1
_entity_poly.type   'polypeptide(L)'
_entity_poly.pdbx_seq_one_letter_code
;MHHHHHHSSGRENLYFQGTSKLKYVLQDARFFLIKSNNHENVSLAKAKGVWSTLPVNEKKLNLAFRSARSVILIFSVRES
GKFQGFARLSSESHHGGSPIHWVLPAGMSAKMLGGVFKIDWICRRELPFTKSAHLTNPWNEHKPVKIGRDGQEIELECGT
QLCLLFPPDESIDLYQVIHKMRH
;
_entity_poly.pdbx_strand_id   A,B
#
loop_
_chem_comp.id
_chem_comp.type
_chem_comp.name
_chem_comp.formula
P0B non-polymer 6-[[(2-chloranyl-6-fluoranyl-phenyl)methyl-methyl-amino]methyl]-1~{H}-pyrimidine-2,4-dione 'C13 H13 Cl F N3 O2'
SO4 non-polymer 'SULFATE ION' 'O4 S -2'
#
# COMPACT_ATOMS: atom_id res chain seq x y z
CA GLY A 18 24.03 -5.17 -8.11
C GLY A 18 23.10 -5.40 -6.92
N THR A 19 21.96 -6.02 -7.20
CA THR A 19 20.95 -6.32 -6.19
C THR A 19 20.73 -7.81 -6.01
N SER A 20 21.57 -8.65 -6.65
CA SER A 20 21.27 -10.07 -6.72
C SER A 20 21.46 -10.77 -5.37
N LYS A 21 22.56 -10.47 -4.65
CA LYS A 21 22.72 -11.08 -3.34
C LYS A 21 21.62 -10.62 -2.39
N LEU A 22 21.20 -9.35 -2.49
CA LEU A 22 20.10 -8.85 -1.68
C LEU A 22 18.83 -9.64 -1.95
N LYS A 23 18.50 -9.83 -3.23
CA LYS A 23 17.32 -10.62 -3.57
C LYS A 23 17.42 -12.04 -3.03
N TYR A 24 18.63 -12.62 -3.06
CA TYR A 24 18.80 -13.98 -2.53
C TYR A 24 18.51 -14.02 -1.03
N VAL A 25 19.02 -13.04 -0.28
CA VAL A 25 18.77 -12.99 1.17
C VAL A 25 17.27 -12.84 1.45
N LEU A 26 16.57 -12.07 0.62
CA LEU A 26 15.15 -11.82 0.83
C LEU A 26 14.25 -12.93 0.30
N GLN A 27 14.80 -13.90 -0.42
CA GLN A 27 13.96 -14.95 -0.98
C GLN A 27 13.27 -15.73 0.13
N ASP A 28 11.94 -15.83 0.03
CA ASP A 28 11.13 -16.55 1.00
C ASP A 28 11.33 -16.04 2.43
N ALA A 29 11.69 -14.76 2.57
CA ALA A 29 11.87 -14.16 3.88
C ALA A 29 10.51 -13.81 4.48
N ARG A 30 10.49 -13.58 5.78
CA ARG A 30 9.41 -12.90 6.45
C ARG A 30 9.88 -11.53 6.90
N PHE A 31 8.96 -10.57 6.95
CA PHE A 31 9.27 -9.17 7.18
C PHE A 31 8.39 -8.61 8.29
N PHE A 32 8.98 -7.78 9.16
CA PHE A 32 8.23 -7.17 10.25
C PHE A 32 8.58 -5.70 10.36
N LEU A 33 7.55 -4.89 10.54
CA LEU A 33 7.72 -3.47 10.77
C LEU A 33 8.07 -3.27 12.24
N ILE A 34 9.22 -2.67 12.51
CA ILE A 34 9.69 -2.52 13.88
C ILE A 34 9.80 -1.03 14.17
N LYS A 35 9.11 -0.57 15.21
CA LYS A 35 9.16 0.82 15.59
C LYS A 35 10.26 1.02 16.63
N SER A 36 10.77 2.25 16.69
CA SER A 36 11.64 2.65 17.77
C SER A 36 11.08 3.94 18.36
N ASN A 37 11.20 4.08 19.69
CA ASN A 37 10.74 5.29 20.34
C ASN A 37 11.60 6.49 19.99
N ASN A 38 12.85 6.26 19.61
CA ASN A 38 13.78 7.36 19.37
C ASN A 38 14.85 6.93 18.40
N HIS A 39 15.63 7.90 17.93
CA HIS A 39 16.76 7.60 17.07
C HIS A 39 17.89 6.91 17.84
N GLU A 40 18.02 7.20 19.13
CA GLU A 40 19.14 6.65 19.90
C GLU A 40 19.12 5.13 19.89
N ASN A 41 17.95 4.53 20.03
CA ASN A 41 17.88 3.07 20.07
C ASN A 41 18.23 2.46 18.72
N VAL A 42 17.86 3.12 17.62
CA VAL A 42 18.26 2.63 16.31
C VAL A 42 19.77 2.78 16.13
N SER A 43 20.34 3.87 16.62
CA SER A 43 21.78 4.05 16.57
CA SER A 43 21.78 4.04 16.56
C SER A 43 22.51 2.95 17.33
N LEU A 44 22.01 2.63 18.53
CA LEU A 44 22.59 1.54 19.31
C LEU A 44 22.48 0.21 18.56
N ALA A 45 21.31 -0.05 17.98
CA ALA A 45 21.11 -1.28 17.22
C ALA A 45 22.04 -1.36 16.02
N LYS A 46 22.28 -0.22 15.35
CA LYS A 46 23.17 -0.21 14.20
C LYS A 46 24.63 -0.43 14.62
N ALA A 47 25.00 0.07 15.79
CA ALA A 47 26.39 -0.05 16.24
C ALA A 47 26.69 -1.43 16.81
N LYS A 48 25.74 -2.04 17.50
CA LYS A 48 25.98 -3.27 18.26
C LYS A 48 25.33 -4.51 17.65
N GLY A 49 24.50 -4.35 16.63
CA GLY A 49 23.87 -5.51 16.01
C GLY A 49 22.90 -6.23 16.92
N VAL A 50 22.06 -5.49 17.65
CA VAL A 50 21.15 -6.06 18.63
C VAL A 50 19.82 -5.33 18.56
N TRP A 51 18.77 -6.02 18.98
CA TRP A 51 17.47 -5.39 19.18
C TRP A 51 16.76 -6.10 20.31
N SER A 52 15.89 -5.38 20.98
CA SER A 52 15.05 -5.96 22.01
CA SER A 52 15.05 -5.94 22.02
C SER A 52 13.64 -5.39 21.86
N THR A 53 12.65 -6.21 22.24
CA THR A 53 11.26 -5.85 22.08
C THR A 53 10.52 -6.18 23.37
N LEU A 54 9.24 -5.84 23.40
CA LEU A 54 8.39 -6.30 24.47
C LEU A 54 8.08 -7.78 24.26
N PRO A 55 7.67 -8.49 25.32
CA PRO A 55 7.44 -9.93 25.20
C PRO A 55 6.48 -10.36 24.10
N VAL A 56 5.45 -9.58 23.78
CA VAL A 56 4.50 -10.01 22.76
C VAL A 56 5.18 -10.12 21.39
N ASN A 57 6.00 -9.13 21.03
CA ASN A 57 6.70 -9.22 19.75
C ASN A 57 7.89 -10.17 19.81
N GLU A 58 8.47 -10.35 20.99
CA GLU A 58 9.55 -11.32 21.14
C GLU A 58 9.06 -12.71 20.79
N LYS A 59 7.86 -13.08 21.26
CA LYS A 59 7.31 -14.39 20.93
C LYS A 59 7.04 -14.52 19.44
N LYS A 60 6.47 -13.48 18.82
CA LYS A 60 6.22 -13.53 17.38
C LYS A 60 7.51 -13.70 16.59
N LEU A 61 8.55 -12.94 16.97
CA LEU A 61 9.79 -12.99 16.21
C LEU A 61 10.53 -14.29 16.42
N ASN A 62 10.46 -14.85 17.63
CA ASN A 62 11.08 -16.14 17.88
C ASN A 62 10.42 -17.24 17.05
N LEU A 63 9.08 -17.21 16.98
CA LEU A 63 8.37 -18.15 16.11
C LEU A 63 8.79 -17.97 14.65
N ALA A 64 8.88 -16.71 14.19
CA ALA A 64 9.25 -16.47 12.80
C ALA A 64 10.67 -16.93 12.51
N PHE A 65 11.59 -16.69 13.45
CA PHE A 65 12.98 -17.06 13.23
C PHE A 65 13.13 -18.55 12.95
N ARG A 66 12.35 -19.38 13.65
CA ARG A 66 12.39 -20.82 13.41
C ARG A 66 11.68 -21.21 12.12
N SER A 67 10.82 -20.34 11.60
CA SER A 67 9.91 -20.70 10.52
C SER A 67 10.47 -20.39 9.13
N ALA A 68 11.48 -19.53 9.02
CA ALA A 68 11.79 -18.92 7.74
C ALA A 68 13.28 -18.87 7.53
N ARG A 69 13.68 -18.86 6.26
CA ARG A 69 15.09 -18.78 5.92
C ARG A 69 15.71 -17.45 6.34
N SER A 70 14.92 -16.37 6.33
CA SER A 70 15.38 -15.05 6.77
C SER A 70 14.19 -14.35 7.40
N VAL A 71 14.43 -13.68 8.52
CA VAL A 71 13.46 -12.78 9.13
C VAL A 71 14.07 -11.38 9.09
N ILE A 72 13.37 -10.46 8.45
CA ILE A 72 13.84 -9.10 8.19
C ILE A 72 13.06 -8.13 9.06
N LEU A 73 13.79 -7.31 9.81
CA LEU A 73 13.21 -6.22 10.58
C LEU A 73 13.45 -4.93 9.81
N ILE A 74 12.36 -4.20 9.54
CA ILE A 74 12.41 -2.92 8.86
C ILE A 74 12.06 -1.85 9.89
N PHE A 75 13.00 -0.95 10.14
CA PHE A 75 12.95 -0.06 11.30
C PHE A 75 12.41 1.32 10.94
N SER A 76 11.54 1.85 11.81
CA SER A 76 11.04 3.21 11.66
C SER A 76 10.96 3.88 13.02
N VAL A 77 11.70 4.98 13.18
CA VAL A 77 11.58 5.79 14.38
C VAL A 77 10.25 6.54 14.35
N ARG A 78 9.48 6.41 15.45
CA ARG A 78 8.17 7.03 15.51
CA ARG A 78 8.17 7.03 15.52
C ARG A 78 8.27 8.53 15.25
N GLU A 79 7.32 9.02 14.46
CA GLU A 79 7.20 10.44 14.08
C GLU A 79 8.27 10.90 13.11
N SER A 80 9.17 10.03 12.68
CA SER A 80 10.24 10.48 11.80
C SER A 80 9.82 10.59 10.34
N GLY A 81 8.71 9.95 9.94
CA GLY A 81 8.34 9.95 8.54
C GLY A 81 9.25 9.15 7.63
N LYS A 82 10.10 8.28 8.19
CA LYS A 82 11.04 7.52 7.39
C LYS A 82 11.25 6.15 8.00
N PHE A 83 11.79 5.25 7.19
CA PHE A 83 12.44 4.04 7.66
C PHE A 83 13.94 4.31 7.76
N GLN A 84 14.59 3.75 8.76
CA GLN A 84 16.03 3.97 8.98
C GLN A 84 16.92 2.83 8.52
N GLY A 85 16.35 1.76 7.95
CA GLY A 85 17.13 0.66 7.45
C GLY A 85 16.46 -0.65 7.77
N PHE A 86 17.15 -1.74 7.45
CA PHE A 86 16.61 -3.06 7.70
C PHE A 86 17.73 -4.05 7.97
N ALA A 87 17.40 -5.10 8.72
CA ALA A 87 18.39 -6.05 9.22
C ALA A 87 17.75 -7.42 9.27
N ARG A 88 18.59 -8.44 9.30
CA ARG A 88 18.15 -9.82 9.36
C ARG A 88 18.44 -10.39 10.75
N LEU A 89 17.45 -11.04 11.36
CA LEU A 89 17.71 -11.76 12.61
C LEU A 89 18.78 -12.82 12.40
N SER A 90 19.78 -12.84 13.27
CA SER A 90 20.73 -13.94 13.27
C SER A 90 20.56 -14.88 14.46
N SER A 91 19.63 -14.58 15.35
CA SER A 91 19.41 -15.40 16.54
C SER A 91 18.00 -15.19 17.05
N GLU A 92 17.52 -16.17 17.82
CA GLU A 92 16.38 -15.96 18.70
C GLU A 92 16.79 -15.05 19.84
N SER A 93 15.79 -14.63 20.63
CA SER A 93 16.09 -13.76 21.75
C SER A 93 16.80 -14.54 22.86
N HIS A 94 17.70 -13.86 23.57
CA HIS A 94 18.44 -14.48 24.66
C HIS A 94 18.70 -13.45 25.74
N HIS A 95 18.72 -13.92 26.98
CA HIS A 95 18.97 -13.07 28.14
C HIS A 95 20.39 -13.29 28.66
N GLY A 96 20.84 -12.34 29.48
CA GLY A 96 22.08 -12.48 30.22
C GLY A 96 23.29 -11.82 29.61
N GLY A 97 23.22 -11.36 28.37
CA GLY A 97 24.36 -10.72 27.73
C GLY A 97 24.76 -9.42 28.39
N SER A 98 25.77 -8.74 27.84
CA SER A 98 26.13 -7.44 28.36
C SER A 98 24.94 -6.51 28.26
N PRO A 99 24.56 -5.80 29.32
CA PRO A 99 23.40 -4.92 29.25
C PRO A 99 23.57 -3.86 28.17
N ILE A 100 22.47 -3.56 27.49
CA ILE A 100 22.43 -2.51 26.48
C ILE A 100 21.77 -1.29 27.09
N HIS A 101 22.43 -0.14 26.97
CA HIS A 101 21.93 1.11 27.55
C HIS A 101 20.88 1.73 26.64
N TRP A 102 19.79 0.99 26.43
CA TRP A 102 18.67 1.54 25.68
C TRP A 102 18.14 2.78 26.38
N VAL A 103 17.70 3.77 25.59
CA VAL A 103 16.99 4.91 26.14
C VAL A 103 15.52 4.51 26.23
N LEU A 104 15.11 4.12 27.42
CA LEU A 104 13.77 3.64 27.64
C LEU A 104 12.85 4.82 27.95
N PRO A 105 11.56 4.70 27.63
CA PRO A 105 10.61 5.76 27.97
C PRO A 105 10.46 5.89 29.47
N ALA A 106 10.01 7.06 29.89
CA ALA A 106 9.78 7.32 31.31
C ALA A 106 8.80 6.28 31.87
N GLY A 107 9.22 5.63 32.95
CA GLY A 107 8.38 4.65 33.61
C GLY A 107 8.58 3.21 33.16
N MET A 108 9.39 2.97 32.14
CA MET A 108 9.69 1.63 31.68
C MET A 108 11.06 1.20 32.22
N SER A 109 11.13 -0.04 32.69
CA SER A 109 12.33 -0.59 33.29
C SER A 109 12.95 -1.63 32.38
N ALA A 110 14.24 -1.90 32.61
CA ALA A 110 14.93 -2.96 31.88
C ALA A 110 14.29 -4.32 32.12
N LYS A 111 13.58 -4.50 33.23
CA LYS A 111 12.93 -5.78 33.52
C LYS A 111 11.75 -6.04 32.60
N MET A 112 11.17 -5.01 31.98
CA MET A 112 10.02 -5.19 31.11
C MET A 112 10.39 -5.66 29.72
N LEU A 113 11.66 -5.57 29.35
CA LEU A 113 12.09 -5.98 28.02
C LEU A 113 12.16 -7.50 27.94
N GLY A 114 11.97 -8.01 26.73
CA GLY A 114 12.31 -9.39 26.45
C GLY A 114 13.81 -9.54 26.31
N GLY A 115 14.21 -10.69 25.78
CA GLY A 115 15.60 -10.93 25.53
C GLY A 115 16.14 -10.05 24.41
N VAL A 116 17.39 -10.31 24.06
CA VAL A 116 18.08 -9.57 23.01
C VAL A 116 18.20 -10.48 21.79
N PHE A 117 17.82 -9.95 20.63
CA PHE A 117 18.03 -10.60 19.35
C PHE A 117 19.32 -10.07 18.74
N LYS A 118 20.13 -10.96 18.21
CA LYS A 118 21.25 -10.53 17.38
C LYS A 118 20.77 -10.31 15.95
N ILE A 119 21.26 -9.24 15.31
CA ILE A 119 20.84 -8.86 13.97
C ILE A 119 22.06 -8.49 13.12
N ASP A 120 21.95 -8.77 11.82
CA ASP A 120 22.93 -8.41 10.81
CA ASP A 120 22.94 -8.37 10.83
C ASP A 120 22.31 -7.33 9.95
N TRP A 121 22.88 -6.13 9.92
CA TRP A 121 22.32 -5.07 9.11
C TRP A 121 22.50 -5.37 7.62
N ILE A 122 21.44 -5.14 6.88
CA ILE A 122 21.47 -5.26 5.42
CA ILE A 122 21.45 -5.26 5.42
C ILE A 122 21.54 -3.89 4.76
N CYS A 123 20.90 -2.89 5.35
CA CYS A 123 20.92 -1.54 4.83
C CYS A 123 20.80 -0.60 6.03
N ARG A 124 21.77 0.30 6.20
CA ARG A 124 21.71 1.32 7.24
CA ARG A 124 21.70 1.32 7.24
C ARG A 124 21.28 2.67 6.70
N ARG A 125 20.85 2.73 5.44
CA ARG A 125 20.39 3.95 4.80
C ARG A 125 18.90 4.15 5.03
N GLU A 126 18.46 5.39 5.01
CA GLU A 126 17.08 5.76 5.23
CA GLU A 126 17.07 5.70 5.26
C GLU A 126 16.26 5.69 3.96
N LEU A 127 14.94 5.58 4.12
CA LEU A 127 13.97 5.67 3.03
C LEU A 127 12.77 6.48 3.51
N PRO A 128 12.46 7.61 2.90
CA PRO A 128 11.29 8.38 3.33
C PRO A 128 9.99 7.67 2.96
N PHE A 129 8.99 7.81 3.83
CA PHE A 129 7.68 7.21 3.59
C PHE A 129 7.09 7.65 2.25
N THR A 130 7.42 8.86 1.79
CA THR A 130 6.88 9.31 0.50
C THR A 130 7.26 8.37 -0.64
N LYS A 131 8.40 7.67 -0.51
CA LYS A 131 8.86 6.77 -1.57
C LYS A 131 8.18 5.41 -1.55
N SER A 132 7.47 5.05 -0.50
CA SER A 132 6.79 3.75 -0.41
C SER A 132 5.28 3.89 -0.51
N ALA A 133 4.79 5.04 -0.97
CA ALA A 133 3.35 5.30 -1.03
C ALA A 133 2.62 4.38 -1.99
N HIS A 134 3.31 3.72 -2.91
CA HIS A 134 2.68 2.81 -3.85
C HIS A 134 2.62 1.37 -3.33
N LEU A 135 3.06 1.12 -2.10
CA LEU A 135 3.12 -0.24 -1.54
C LEU A 135 2.10 -0.38 -0.43
N THR A 136 1.24 -1.40 -0.54
CA THR A 136 0.24 -1.68 0.47
C THR A 136 0.49 -3.05 1.08
N ASN A 137 0.16 -3.19 2.36
CA ASN A 137 0.43 -4.41 3.10
C ASN A 137 -0.85 -5.22 3.26
N PRO A 138 -0.99 -6.36 2.58
CA PRO A 138 -2.19 -7.19 2.75
C PRO A 138 -2.48 -7.59 4.17
N TRP A 139 -1.45 -7.74 5.00
CA TRP A 139 -1.70 -8.17 6.38
C TRP A 139 -2.10 -7.03 7.29
N ASN A 140 -2.17 -5.80 6.78
CA ASN A 140 -2.77 -4.70 7.50
C ASN A 140 -3.80 -3.99 6.62
N GLU A 141 -4.77 -4.76 6.10
CA GLU A 141 -5.93 -4.21 5.39
C GLU A 141 -5.53 -3.42 4.15
N HIS A 142 -4.39 -3.75 3.55
CA HIS A 142 -3.87 -3.04 2.39
C HIS A 142 -3.66 -1.56 2.64
N LYS A 143 -3.46 -1.17 3.88
CA LYS A 143 -3.01 0.18 4.16
C LYS A 143 -1.56 0.34 3.67
N PRO A 144 -1.14 1.58 3.41
CA PRO A 144 0.25 1.81 3.01
C PRO A 144 1.20 1.15 4.00
N VAL A 145 2.29 0.59 3.47
CA VAL A 145 3.17 -0.26 4.27
C VAL A 145 3.79 0.50 5.45
N LYS A 146 3.91 1.83 5.34
CA LYS A 146 4.39 2.62 6.46
C LYS A 146 3.47 2.51 7.68
N ILE A 147 2.22 2.11 7.49
CA ILE A 147 1.24 2.07 8.57
C ILE A 147 1.23 0.69 9.21
N GLY A 148 1.42 0.65 10.53
CA GLY A 148 1.28 -0.57 11.27
C GLY A 148 1.75 -0.42 12.70
N ARG A 149 1.20 -1.22 13.60
CA ARG A 149 1.74 -1.26 14.95
C ARG A 149 3.12 -1.87 14.93
N ASP A 150 3.89 -1.54 15.97
CA ASP A 150 5.18 -2.17 16.19
C ASP A 150 5.02 -3.69 16.17
N GLY A 151 5.73 -4.36 15.27
CA GLY A 151 5.65 -5.80 15.11
C GLY A 151 4.74 -6.27 14.01
N GLN A 152 4.07 -5.37 13.31
CA GLN A 152 3.17 -5.76 12.23
C GLN A 152 3.95 -6.53 11.15
N GLU A 153 3.48 -7.72 10.80
CA GLU A 153 4.11 -8.46 9.72
C GLU A 153 3.75 -7.86 8.38
N ILE A 154 4.72 -7.85 7.46
CA ILE A 154 4.55 -7.35 6.10
C ILE A 154 4.61 -8.55 5.17
N GLU A 155 3.59 -8.73 4.35
CA GLU A 155 3.53 -9.83 3.40
CA GLU A 155 3.55 -9.85 3.41
C GLU A 155 4.75 -9.82 2.49
N LEU A 156 5.16 -11.02 2.05
CA LEU A 156 6.37 -11.25 1.26
C LEU A 156 6.59 -10.27 0.13
N GLU A 157 5.62 -10.13 -0.78
CA GLU A 157 5.84 -9.30 -1.96
C GLU A 157 6.01 -7.84 -1.59
N CYS A 158 5.14 -7.33 -0.73
CA CYS A 158 5.25 -5.95 -0.26
C CYS A 158 6.58 -5.74 0.45
N GLY A 159 6.97 -6.67 1.32
CA GLY A 159 8.21 -6.49 2.06
C GLY A 159 9.42 -6.51 1.16
N THR A 160 9.42 -7.41 0.18
CA THR A 160 10.51 -7.48 -0.79
C THR A 160 10.64 -6.17 -1.57
N GLN A 161 9.51 -5.67 -2.09
CA GLN A 161 9.56 -4.41 -2.83
C GLN A 161 9.99 -3.25 -1.95
N LEU A 162 9.54 -3.23 -0.70
CA LEU A 162 9.95 -2.16 0.20
C LEU A 162 11.46 -2.17 0.40
N CYS A 163 12.02 -3.34 0.70
CA CYS A 163 13.46 -3.43 0.88
C CYS A 163 14.21 -3.01 -0.36
N LEU A 164 13.71 -3.39 -1.56
CA LEU A 164 14.39 -3.01 -2.79
C LEU A 164 14.32 -1.52 -3.09
N LEU A 165 13.43 -0.78 -2.44
CA LEU A 165 13.38 0.66 -2.65
C LEU A 165 14.50 1.40 -1.93
N PHE A 166 15.07 0.82 -0.88
CA PHE A 166 16.08 1.54 -0.13
C PHE A 166 17.29 1.79 -1.03
N PRO A 167 17.99 2.91 -0.82
CA PRO A 167 19.25 3.12 -1.51
C PRO A 167 20.19 1.96 -1.20
N PRO A 168 20.96 1.49 -2.19
CA PRO A 168 21.97 0.46 -1.89
C PRO A 168 22.94 0.95 -0.83
N ASP A 169 23.33 0.06 0.07
CA ASP A 169 24.31 0.37 1.11
C ASP A 169 25.59 -0.34 0.73
N GLU A 170 26.46 0.36 -0.01
CA GLU A 170 27.69 -0.23 -0.52
C GLU A 170 28.69 -0.53 0.58
N SER A 171 28.43 -0.14 1.82
CA SER A 171 29.34 -0.49 2.91
C SER A 171 29.15 -1.92 3.41
N ILE A 172 28.08 -2.60 3.03
CA ILE A 172 27.74 -3.92 3.54
C ILE A 172 28.04 -4.96 2.49
N ASP A 173 28.57 -6.10 2.91
CA ASP A 173 28.87 -7.24 2.03
C ASP A 173 27.96 -8.39 2.48
N LEU A 174 27.00 -8.78 1.64
CA LEU A 174 26.05 -9.81 2.05
C LEU A 174 26.59 -11.23 1.99
N TYR A 175 27.85 -11.41 1.58
CA TYR A 175 28.46 -12.74 1.52
C TYR A 175 28.36 -13.46 2.87
N GLN A 176 28.71 -12.79 3.97
CA GLN A 176 28.70 -13.45 5.27
C GLN A 176 27.27 -13.69 5.77
N VAL A 177 26.34 -12.82 5.37
CA VAL A 177 24.92 -13.03 5.72
C VAL A 177 24.39 -14.28 5.03
N ILE A 178 24.72 -14.45 3.75
CA ILE A 178 24.25 -15.62 3.02
C ILE A 178 24.73 -16.91 3.67
N HIS A 179 25.94 -16.90 4.21
CA HIS A 179 26.50 -18.10 4.82
C HIS A 179 25.81 -18.48 6.12
N LYS A 180 25.03 -17.57 6.74
CA LYS A 180 24.30 -17.89 7.95
C LYS A 180 22.95 -18.54 7.67
N MET A 181 22.46 -18.47 6.45
CA MET A 181 21.16 -19.01 6.11
C MET A 181 21.21 -20.53 6.00
N GLY B 18 -5.28 25.78 -12.18
CA GLY B 18 -6.51 25.83 -12.96
C GLY B 18 -6.90 24.47 -13.51
N THR B 19 -8.06 24.42 -14.15
CA THR B 19 -8.69 23.15 -14.52
C THR B 19 -8.59 22.82 -16.01
N SER B 20 -7.73 23.51 -16.78
CA SER B 20 -7.62 23.25 -18.21
C SER B 20 -7.27 21.80 -18.49
N LYS B 21 -6.30 21.25 -17.76
CA LYS B 21 -5.90 19.86 -18.00
C LYS B 21 -7.03 18.89 -17.69
N LEU B 22 -7.69 19.05 -16.54
CA LEU B 22 -8.76 18.11 -16.21
C LEU B 22 -9.91 18.23 -17.19
N LYS B 23 -10.26 19.45 -17.60
CA LYS B 23 -11.34 19.60 -18.55
C LYS B 23 -11.00 18.94 -19.87
N TYR B 24 -9.73 19.03 -20.27
CA TYR B 24 -9.26 18.36 -21.49
C TYR B 24 -9.41 16.84 -21.36
N VAL B 25 -9.02 16.27 -20.22
CA VAL B 25 -9.16 14.83 -20.04
C VAL B 25 -10.61 14.40 -20.13
N LEU B 26 -11.53 15.24 -19.65
CA LEU B 26 -12.94 14.91 -19.53
C LEU B 26 -13.79 15.32 -20.74
N GLN B 27 -13.20 16.00 -21.73
CA GLN B 27 -14.01 16.64 -22.76
C GLN B 27 -14.87 15.66 -23.53
N ASP B 28 -14.34 14.47 -23.81
CA ASP B 28 -15.12 13.39 -24.44
C ASP B 28 -14.98 12.19 -23.51
N ALA B 29 -15.81 12.16 -22.48
CA ALA B 29 -15.69 11.13 -21.47
C ALA B 29 -17.03 10.44 -21.25
N ARG B 30 -16.96 9.17 -20.85
CA ARG B 30 -18.06 8.47 -20.23
C ARG B 30 -17.68 8.23 -18.77
N PHE B 31 -18.68 8.20 -17.90
CA PHE B 31 -18.49 8.15 -16.46
C PHE B 31 -19.34 7.05 -15.88
N PHE B 32 -18.78 6.32 -14.92
CA PHE B 32 -19.48 5.21 -14.27
C PHE B 32 -19.27 5.28 -12.77
N LEU B 33 -20.35 5.12 -12.01
CA LEU B 33 -20.26 4.92 -10.58
C LEU B 33 -19.80 3.50 -10.31
N ILE B 34 -18.72 3.35 -9.55
CA ILE B 34 -18.13 2.04 -9.27
C ILE B 34 -18.10 1.89 -7.77
N LYS B 35 -18.74 0.84 -7.28
CA LYS B 35 -18.77 0.60 -5.85
C LYS B 35 -17.68 -0.38 -5.46
N SER B 36 -17.32 -0.31 -4.18
CA SER B 36 -16.44 -1.29 -3.58
C SER B 36 -17.11 -1.90 -2.36
N ASN B 37 -16.86 -3.19 -2.15
CA ASN B 37 -17.34 -3.86 -0.95
C ASN B 37 -16.62 -3.37 0.29
N ASN B 38 -15.39 -2.86 0.14
CA ASN B 38 -14.61 -2.48 1.32
C ASN B 38 -13.60 -1.40 0.98
N HIS B 39 -13.01 -0.83 2.01
CA HIS B 39 -11.92 0.13 1.80
C HIS B 39 -10.64 -0.55 1.35
N GLU B 40 -10.42 -1.81 1.76
CA GLU B 40 -9.19 -2.51 1.44
CA GLU B 40 -9.19 -2.50 1.43
C GLU B 40 -8.96 -2.56 -0.07
N ASN B 41 -10.01 -2.92 -0.83
CA ASN B 41 -9.81 -3.06 -2.27
C ASN B 41 -9.56 -1.71 -2.93
N VAL B 42 -10.17 -0.65 -2.40
CA VAL B 42 -9.88 0.69 -2.92
C VAL B 42 -8.43 1.08 -2.63
N SER B 43 -7.94 0.78 -1.42
CA SER B 43 -6.55 1.09 -1.11
CA SER B 43 -6.55 1.08 -1.10
C SER B 43 -5.60 0.33 -2.02
N LEU B 44 -5.86 -0.96 -2.23
CA LEU B 44 -5.05 -1.74 -3.16
C LEU B 44 -5.05 -1.12 -4.54
N ALA B 45 -6.24 -0.79 -5.05
CA ALA B 45 -6.41 -0.27 -6.40
C ALA B 45 -5.75 1.10 -6.56
N LYS B 46 -5.82 1.92 -5.52
CA LYS B 46 -5.20 3.24 -5.55
C LYS B 46 -3.68 3.16 -5.69
N ALA B 47 -3.06 2.18 -5.04
CA ALA B 47 -1.61 2.04 -5.10
C ALA B 47 -1.15 1.34 -6.38
N LYS B 48 -1.91 0.35 -6.85
CA LYS B 48 -1.47 -0.50 -7.94
C LYS B 48 -2.02 -0.10 -9.30
N GLY B 49 -3.08 0.71 -9.35
CA GLY B 49 -3.62 1.13 -10.63
C GLY B 49 -4.37 0.04 -11.37
N VAL B 50 -5.19 -0.72 -10.66
CA VAL B 50 -5.95 -1.82 -11.23
C VAL B 50 -7.35 -1.84 -10.62
N TRP B 51 -8.28 -2.44 -11.37
CA TRP B 51 -9.62 -2.71 -10.87
C TRP B 51 -10.19 -3.93 -11.57
N SER B 52 -11.12 -4.58 -10.90
CA SER B 52 -11.90 -5.66 -11.50
CA SER B 52 -11.89 -5.66 -11.50
C SER B 52 -13.36 -5.48 -11.11
N THR B 53 -14.25 -5.94 -12.01
CA THR B 53 -15.70 -5.86 -11.84
C THR B 53 -16.29 -7.24 -12.10
N LEU B 54 -17.60 -7.36 -11.94
CA LEU B 54 -18.30 -8.55 -12.41
C LEU B 54 -18.44 -8.47 -13.93
N PRO B 55 -18.70 -9.61 -14.59
CA PRO B 55 -18.73 -9.61 -16.06
C PRO B 55 -19.71 -8.65 -16.71
N VAL B 56 -20.86 -8.39 -16.09
CA VAL B 56 -21.83 -7.49 -16.72
C VAL B 56 -21.26 -6.09 -16.86
N ASN B 57 -20.69 -5.56 -15.77
CA ASN B 57 -20.08 -4.24 -15.86
C ASN B 57 -18.78 -4.27 -16.65
N GLU B 58 -18.08 -5.41 -16.67
CA GLU B 58 -16.85 -5.51 -17.45
C GLU B 58 -17.13 -5.27 -18.92
N LYS B 59 -18.19 -5.90 -19.45
CA LYS B 59 -18.57 -5.72 -20.84
C LYS B 59 -18.93 -4.26 -21.12
N LYS B 60 -19.69 -3.63 -20.22
CA LYS B 60 -20.06 -2.24 -20.44
CA LYS B 60 -20.05 -2.23 -20.42
C LYS B 60 -18.83 -1.33 -20.46
N LEU B 61 -17.87 -1.58 -19.57
CA LEU B 61 -16.67 -0.74 -19.52
C LEU B 61 -15.79 -0.95 -20.74
N ASN B 62 -15.69 -2.19 -21.23
CA ASN B 62 -14.92 -2.44 -22.44
C ASN B 62 -15.52 -1.74 -23.65
N LEU B 63 -16.85 -1.81 -23.81
CA LEU B 63 -17.52 -1.07 -24.87
C LEU B 63 -17.25 0.42 -24.73
N ALA B 64 -17.33 0.94 -23.50
CA ALA B 64 -17.12 2.37 -23.29
C ALA B 64 -15.70 2.75 -23.63
N PHE B 65 -14.73 1.90 -23.31
CA PHE B 65 -13.33 2.21 -23.57
C PHE B 65 -13.08 2.46 -25.06
N ARG B 66 -13.78 1.73 -25.93
CA ARG B 66 -13.61 1.90 -27.36
C ARG B 66 -14.41 3.05 -27.94
N SER B 67 -15.38 3.58 -27.20
CA SER B 67 -16.33 4.55 -27.73
C SER B 67 -16.05 5.98 -27.30
N ALA B 68 -15.19 6.19 -26.30
CA ALA B 68 -14.98 7.52 -25.75
C ALA B 68 -13.49 7.71 -25.51
N ARG B 69 -13.05 8.97 -25.61
CA ARG B 69 -11.63 9.26 -25.43
C ARG B 69 -11.16 8.99 -24.02
N SER B 70 -12.04 9.15 -23.03
CA SER B 70 -11.74 8.84 -21.64
C SER B 70 -12.95 8.12 -21.04
N VAL B 71 -12.67 7.08 -20.25
CA VAL B 71 -13.67 6.41 -19.43
C VAL B 71 -13.26 6.60 -17.98
N ILE B 72 -14.14 7.22 -17.22
CA ILE B 72 -13.87 7.60 -15.84
C ILE B 72 -14.67 6.72 -14.90
N LEU B 73 -14.00 6.15 -13.91
CA LEU B 73 -14.62 5.39 -12.84
C LEU B 73 -14.60 6.26 -11.58
N ILE B 74 -15.77 6.48 -11.00
CA ILE B 74 -15.89 7.29 -9.79
C ILE B 74 -16.28 6.35 -8.66
N PHE B 75 -15.40 6.23 -7.67
CA PHE B 75 -15.47 5.14 -6.70
C PHE B 75 -16.22 5.53 -5.43
N SER B 76 -17.05 4.61 -4.93
CA SER B 76 -17.71 4.80 -3.64
C SER B 76 -17.79 3.48 -2.89
N VAL B 77 -17.13 3.40 -1.73
CA VAL B 77 -17.23 2.24 -0.85
C VAL B 77 -18.66 2.20 -0.30
N ARG B 78 -19.31 1.05 -0.39
CA ARG B 78 -20.68 0.94 0.09
C ARG B 78 -20.78 1.36 1.55
N GLU B 79 -21.82 2.13 1.86
CA GLU B 79 -22.17 2.66 3.18
C GLU B 79 -21.19 3.72 3.71
N SER B 80 -20.23 4.18 2.90
CA SER B 80 -19.26 5.14 3.40
C SER B 80 -19.76 6.58 3.37
N GLY B 81 -20.81 6.88 2.61
CA GLY B 81 -21.27 8.25 2.51
C GLY B 81 -20.36 9.19 1.73
N LYS B 82 -19.40 8.64 0.99
CA LYS B 82 -18.43 9.44 0.25
C LYS B 82 -18.05 8.74 -1.04
N PHE B 83 -17.50 9.53 -1.95
CA PHE B 83 -16.66 9.01 -3.02
C PHE B 83 -15.22 9.05 -2.55
N GLN B 84 -14.43 8.04 -2.94
CA GLN B 84 -13.04 7.96 -2.51
C GLN B 84 -12.05 8.41 -3.58
N GLY B 85 -12.53 8.77 -4.77
CA GLY B 85 -11.69 9.30 -5.82
C GLY B 85 -12.22 8.89 -7.18
N PHE B 86 -11.47 9.22 -8.22
CA PHE B 86 -11.85 8.81 -9.57
C PHE B 86 -10.60 8.54 -10.40
N ALA B 87 -10.77 7.69 -11.40
CA ALA B 87 -9.67 7.17 -12.20
C ALA B 87 -10.12 7.02 -13.65
N ARG B 88 -9.15 6.96 -14.56
CA ARG B 88 -9.42 6.79 -15.98
C ARG B 88 -8.92 5.42 -16.43
N LEU B 89 -9.76 4.66 -17.15
CA LEU B 89 -9.28 3.41 -17.75
C LEU B 89 -8.12 3.65 -18.70
N SER B 90 -7.03 2.91 -18.53
CA SER B 90 -5.99 2.94 -19.55
C SER B 90 -5.99 1.71 -20.43
N SER B 91 -6.82 0.72 -20.12
CA SER B 91 -6.88 -0.49 -20.92
C SER B 91 -8.29 -1.05 -20.83
N GLU B 92 -8.64 -1.86 -21.82
CA GLU B 92 -9.73 -2.81 -21.66
C GLU B 92 -9.32 -3.86 -20.62
N SER B 93 -10.29 -4.63 -20.15
CA SER B 93 -9.95 -5.68 -19.20
C SER B 93 -9.09 -6.73 -19.87
N HIS B 94 -8.23 -7.37 -19.08
CA HIS B 94 -7.37 -8.42 -19.60
C HIS B 94 -7.24 -9.54 -18.59
N HIS B 95 -7.13 -10.76 -19.10
CA HIS B 95 -7.05 -11.96 -18.28
C HIS B 95 -5.63 -12.53 -18.36
N GLY B 96 -5.29 -13.35 -17.38
CA GLY B 96 -4.01 -14.03 -17.37
C GLY B 96 -2.82 -13.19 -16.99
N GLY B 97 -3.02 -11.95 -16.59
CA GLY B 97 -1.94 -11.10 -16.15
C GLY B 97 -1.50 -11.41 -14.73
N SER B 98 -0.75 -10.48 -14.16
CA SER B 98 -0.31 -10.61 -12.78
C SER B 98 -1.53 -10.72 -11.87
N PRO B 99 -1.63 -11.76 -11.04
CA PRO B 99 -2.84 -11.96 -10.24
C PRO B 99 -2.95 -10.94 -9.11
N ILE B 100 -4.14 -10.36 -8.94
CA ILE B 100 -4.38 -9.39 -7.89
CA ILE B 100 -4.41 -9.38 -7.91
C ILE B 100 -5.16 -10.07 -6.78
N HIS B 101 -4.66 -9.94 -5.56
CA HIS B 101 -5.23 -10.61 -4.40
C HIS B 101 -6.22 -9.68 -3.70
N TRP B 102 -7.34 -9.44 -4.37
CA TRP B 102 -8.42 -8.68 -3.78
C TRP B 102 -8.94 -9.39 -2.53
N VAL B 103 -9.61 -8.63 -1.67
CA VAL B 103 -10.31 -9.16 -0.51
C VAL B 103 -11.78 -9.24 -0.90
N LEU B 104 -12.22 -10.43 -1.15
CA LEU B 104 -13.57 -10.66 -1.64
C LEU B 104 -14.54 -10.89 -0.49
N PRO B 105 -15.83 -10.60 -0.69
CA PRO B 105 -16.83 -10.92 0.33
C PRO B 105 -16.73 -12.39 0.71
N ALA B 106 -16.98 -12.68 1.99
CA ALA B 106 -16.87 -14.04 2.49
C ALA B 106 -17.67 -15.00 1.61
N GLY B 107 -17.00 -16.07 1.19
CA GLY B 107 -17.63 -17.11 0.39
C GLY B 107 -17.55 -16.90 -1.12
N MET B 108 -17.27 -15.68 -1.58
CA MET B 108 -17.20 -15.41 -3.01
C MET B 108 -15.86 -15.88 -3.56
N SER B 109 -15.90 -16.50 -4.74
CA SER B 109 -14.68 -16.99 -5.38
C SER B 109 -14.18 -16.00 -6.42
N ALA B 110 -12.87 -16.03 -6.65
CA ALA B 110 -12.24 -15.15 -7.63
C ALA B 110 -12.61 -15.52 -9.06
N LYS B 111 -13.12 -16.72 -9.30
CA LYS B 111 -13.57 -17.09 -10.64
C LYS B 111 -14.76 -16.25 -11.09
N MET B 112 -15.51 -15.68 -10.15
CA MET B 112 -16.63 -14.82 -10.50
C MET B 112 -16.19 -13.52 -11.16
N LEU B 113 -14.93 -13.14 -11.01
CA LEU B 113 -14.48 -11.83 -11.45
C LEU B 113 -14.31 -11.79 -12.95
N GLY B 114 -14.48 -10.61 -13.52
CA GLY B 114 -14.00 -10.33 -14.86
C GLY B 114 -12.50 -10.14 -14.85
N GLY B 115 -11.97 -9.74 -16.00
CA GLY B 115 -10.55 -9.46 -16.12
C GLY B 115 -10.11 -8.23 -15.35
N VAL B 116 -8.85 -7.86 -15.47
CA VAL B 116 -8.28 -6.72 -14.76
C VAL B 116 -8.21 -5.54 -15.71
N PHE B 117 -8.74 -4.40 -15.27
CA PHE B 117 -8.57 -3.13 -15.98
C PHE B 117 -7.37 -2.41 -15.38
N LYS B 118 -6.50 -1.86 -16.23
CA LYS B 118 -5.52 -0.89 -15.78
C LYS B 118 -6.18 0.47 -15.70
N ILE B 119 -5.88 1.21 -14.63
CA ILE B 119 -6.46 2.53 -14.41
C ILE B 119 -5.38 3.50 -13.94
N ASP B 120 -5.53 4.76 -14.34
CA ASP B 120 -4.69 5.85 -13.85
C ASP B 120 -5.57 6.74 -12.98
N TRP B 121 -5.21 6.88 -11.71
CA TRP B 121 -5.99 7.73 -10.83
C TRP B 121 -5.81 9.19 -11.19
N ILE B 122 -6.91 9.94 -11.11
CA ILE B 122 -6.89 11.37 -11.35
C ILE B 122 -7.03 12.08 -10.01
N CYS B 123 -7.80 11.51 -9.10
CA CYS B 123 -7.91 12.06 -7.75
C CYS B 123 -8.10 10.90 -6.80
N ARG B 124 -7.30 10.84 -5.75
CA ARG B 124 -7.44 9.82 -4.71
C ARG B 124 -7.96 10.39 -3.41
N ARG B 125 -8.45 11.61 -3.43
CA ARG B 125 -9.01 12.27 -2.26
C ARG B 125 -10.52 12.10 -2.23
N GLU B 126 -11.06 12.16 -1.03
CA GLU B 126 -12.48 11.91 -0.82
C GLU B 126 -13.33 13.13 -1.15
N LEU B 127 -14.56 12.85 -1.57
CA LEU B 127 -15.60 13.86 -1.74
C LEU B 127 -16.83 13.35 -0.99
N PRO B 128 -17.22 13.99 0.11
CA PRO B 128 -18.44 13.54 0.80
C PRO B 128 -19.67 13.81 -0.05
N PHE B 129 -20.66 12.94 0.11
CA PHE B 129 -21.91 13.12 -0.63
C PHE B 129 -22.56 14.47 -0.33
N THR B 130 -22.31 15.04 0.84
CA THR B 130 -22.83 16.37 1.15
C THR B 130 -22.33 17.45 0.21
N LYS B 131 -21.27 17.18 -0.56
CA LYS B 131 -20.76 18.17 -1.50
C LYS B 131 -21.27 17.99 -2.91
N SER B 132 -21.99 16.90 -3.20
CA SER B 132 -22.55 16.63 -4.51
C SER B 132 -24.07 16.62 -4.51
N ALA B 133 -24.68 17.12 -3.43
CA ALA B 133 -26.12 17.01 -3.24
C ALA B 133 -26.92 17.80 -4.27
N HIS B 134 -26.30 18.74 -4.96
CA HIS B 134 -26.96 19.54 -5.98
C HIS B 134 -26.89 18.92 -7.37
N LEU B 135 -26.16 17.81 -7.55
CA LEU B 135 -25.99 17.19 -8.87
C LEU B 135 -26.90 16.00 -9.00
N THR B 136 -27.67 15.98 -10.08
CA THR B 136 -28.59 14.89 -10.39
C THR B 136 -28.20 14.27 -11.74
N ASN B 137 -28.42 12.96 -11.86
CA ASN B 137 -28.00 12.23 -13.05
C ASN B 137 -29.19 12.00 -13.97
N PRO B 138 -29.27 12.67 -15.12
CA PRO B 138 -30.41 12.46 -16.02
CA PRO B 138 -30.41 12.46 -16.02
C PRO B 138 -30.58 11.01 -16.46
N TRP B 139 -29.51 10.22 -16.48
CA TRP B 139 -29.60 8.83 -16.90
C TRP B 139 -29.94 7.90 -15.76
N ASN B 140 -30.27 8.44 -14.59
CA ASN B 140 -30.83 7.67 -13.48
C ASN B 140 -32.02 8.42 -12.89
N GLU B 141 -32.97 8.80 -13.75
CA GLU B 141 -34.22 9.42 -13.35
C GLU B 141 -34.03 10.75 -12.62
N HIS B 142 -32.94 11.45 -12.93
CA HIS B 142 -32.62 12.73 -12.30
C HIS B 142 -32.54 12.62 -10.78
N LYS B 143 -32.10 11.45 -10.29
CA LYS B 143 -31.82 11.29 -8.87
C LYS B 143 -30.42 11.82 -8.55
N PRO B 144 -30.18 12.23 -7.30
CA PRO B 144 -28.85 12.68 -6.90
C PRO B 144 -27.77 11.69 -7.34
N VAL B 145 -26.65 12.24 -7.81
CA VAL B 145 -25.64 11.41 -8.47
C VAL B 145 -25.05 10.35 -7.53
N LYS B 146 -25.09 10.59 -6.21
CA LYS B 146 -24.63 9.59 -5.25
C LYS B 146 -25.44 8.29 -5.32
N ILE B 147 -26.67 8.35 -5.83
CA ILE B 147 -27.57 7.21 -5.86
C ILE B 147 -27.34 6.44 -7.16
N GLY B 148 -27.08 5.16 -7.06
CA GLY B 148 -27.01 4.33 -8.24
C GLY B 148 -26.55 2.94 -7.90
N ARG B 149 -26.86 2.02 -8.79
CA ARG B 149 -26.30 0.68 -8.70
C ARG B 149 -24.83 0.70 -9.11
N ASP B 150 -24.10 -0.31 -8.67
CA ASP B 150 -22.72 -0.49 -9.12
C ASP B 150 -22.70 -0.56 -10.64
N GLY B 151 -21.87 0.29 -11.26
CA GLY B 151 -21.81 0.39 -12.71
C GLY B 151 -22.74 1.42 -13.34
N GLN B 152 -23.54 2.14 -12.55
CA GLN B 152 -24.48 3.11 -13.10
C GLN B 152 -23.73 4.13 -13.96
N GLU B 153 -24.16 4.30 -15.20
CA GLU B 153 -23.52 5.29 -16.05
C GLU B 153 -24.05 6.68 -15.70
N ILE B 154 -23.14 7.63 -15.65
CA ILE B 154 -23.46 9.01 -15.30
C ILE B 154 -23.34 9.84 -16.58
N GLU B 155 -24.39 10.60 -16.87
CA GLU B 155 -24.43 11.46 -18.05
C GLU B 155 -23.28 12.47 -18.02
N LEU B 156 -22.83 12.84 -19.23
CA LEU B 156 -21.60 13.61 -19.43
C LEU B 156 -21.50 14.85 -18.55
N GLU B 157 -22.49 15.75 -18.60
CA GLU B 157 -22.34 17.01 -17.87
C GLU B 157 -22.37 16.78 -16.37
N CYS B 158 -23.24 15.88 -15.90
CA CYS B 158 -23.28 15.56 -14.47
C CYS B 158 -21.95 14.96 -14.02
N GLY B 159 -21.42 14.01 -14.80
CA GLY B 159 -20.16 13.39 -14.44
C GLY B 159 -19.02 14.37 -14.43
N THR B 160 -19.00 15.30 -15.41
CA THR B 160 -17.96 16.31 -15.47
C THR B 160 -18.01 17.18 -14.23
N GLN B 161 -19.20 17.67 -13.88
CA GLN B 161 -19.31 18.53 -12.71
C GLN B 161 -18.96 17.77 -11.43
N LEU B 162 -19.34 16.49 -11.35
CA LEU B 162 -18.97 15.71 -10.18
C LEU B 162 -17.46 15.63 -10.03
N CYS B 163 -16.75 15.33 -11.12
CA CYS B 163 -15.29 15.24 -11.04
C CYS B 163 -14.65 16.57 -10.67
N LEU B 164 -15.22 17.68 -11.15
CA LEU B 164 -14.69 19.00 -10.83
C LEU B 164 -14.87 19.36 -9.36
N LEU B 165 -15.77 18.69 -8.64
CA LEU B 165 -15.97 18.97 -7.22
C LEU B 165 -14.82 18.46 -6.36
N PHE B 166 -14.11 17.42 -6.80
CA PHE B 166 -13.07 16.83 -5.97
C PHE B 166 -11.95 17.84 -5.75
N PRO B 167 -11.26 17.77 -4.60
CA PRO B 167 -10.15 18.69 -4.35
C PRO B 167 -8.93 18.30 -5.17
N PRO B 168 -8.01 19.23 -5.39
CA PRO B 168 -6.80 18.89 -6.15
C PRO B 168 -5.98 17.87 -5.39
N ASP B 169 -5.37 16.95 -6.13
CA ASP B 169 -4.56 15.89 -5.54
C ASP B 169 -3.10 16.11 -5.93
N GLU B 170 -2.29 16.52 -4.95
CA GLU B 170 -0.89 16.85 -5.20
C GLU B 170 -0.04 15.61 -5.47
N SER B 171 -0.58 14.41 -5.23
CA SER B 171 0.15 13.19 -5.52
C SER B 171 0.01 12.75 -6.96
N ILE B 172 -0.86 13.41 -7.73
CA ILE B 172 -1.19 13.02 -9.09
C ILE B 172 -0.57 14.00 -10.08
N ASP B 173 -0.04 13.47 -11.18
CA ASP B 173 0.47 14.25 -12.29
C ASP B 173 -0.28 13.78 -13.53
N LEU B 174 -1.02 14.67 -14.16
CA LEU B 174 -1.85 14.26 -15.30
C LEU B 174 -1.05 14.01 -16.58
N TYR B 175 0.28 14.16 -16.56
CA TYR B 175 1.04 14.14 -17.80
C TYR B 175 0.89 12.81 -18.53
N GLN B 176 1.00 11.69 -17.82
CA GLN B 176 0.89 10.39 -18.48
C GLN B 176 -0.49 10.17 -19.08
N VAL B 177 -1.54 10.54 -18.35
CA VAL B 177 -2.90 10.40 -18.86
C VAL B 177 -3.08 11.20 -20.14
N ILE B 178 -2.66 12.46 -20.12
CA ILE B 178 -2.80 13.31 -21.30
C ILE B 178 -2.09 12.68 -22.49
N HIS B 179 -0.90 12.10 -22.25
CA HIS B 179 -0.13 11.53 -23.35
C HIS B 179 -0.77 10.29 -23.93
N LYS B 180 -1.46 9.48 -23.13
CA LYS B 180 -2.03 8.25 -23.65
C LYS B 180 -3.42 8.43 -24.23
N MET B 181 -3.99 9.64 -24.19
CA MET B 181 -5.25 9.89 -24.85
C MET B 181 -5.09 9.88 -26.37
CAA P0B C . 15.13 -1.83 22.99
CAF P0B C . 9.18 0.61 24.04
CAG P0B C . 10.20 1.50 24.15
CAH P0B C . 9.46 -0.79 24.01
CAI P0B C . 11.33 0.47 20.94
CAJ P0B C . 13.62 -0.24 21.85
CAK P0B C . 13.34 -0.79 24.27
CAN P0B C . 11.55 1.05 24.22
CAO P0B C . 10.79 -1.23 24.08
CAP P0B C . 12.27 -0.55 21.17
CAQ P0B C . 11.83 -0.31 24.20
CAR P0B C . 10.12 0.11 20.35
CAS P0B C . 10.85 -2.09 20.27
FAD P0B C . 12.56 1.90 24.34
NAL P0B C . 12.00 -1.80 20.84
NAM P0B C . 9.93 -1.16 20.03
NAT P0B C . 13.79 -1.28 22.96
OAB P0B C . 9.13 1.05 20.09
OAC P0B C . 10.57 -3.47 19.89
CL1 P0B C . 11.16 -2.98 24.04
S SO4 D . 25.67 -8.77 -6.52
S SO4 D . 25.71 -7.68 -5.17
O1 SO4 D . 26.13 -7.38 -6.43
O1 SO4 D . 26.07 -6.45 -5.86
O2 SO4 D . 24.62 -8.82 -7.54
O2 SO4 D . 24.37 -8.11 -5.58
O3 SO4 D . 26.82 -9.61 -6.83
O3 SO4 D . 25.71 -7.47 -3.73
O4 SO4 D . 25.12 -9.17 -5.24
O4 SO4 D . 26.68 -8.72 -5.51
S SO4 E . 2.30 0.18 19.06
S SO4 E . 2.43 1.78 17.79
O1 SO4 E . 0.93 -0.18 18.73
O1 SO4 E . 1.10 1.43 18.30
O2 SO4 E . 3.05 0.42 17.84
O2 SO4 E . 2.36 2.05 16.36
O3 SO4 E . 2.92 -0.90 19.82
O3 SO4 E . 3.35 0.68 18.03
O4 SO4 E . 2.29 1.40 19.87
O4 SO4 E . 2.89 2.99 18.48
CAA P0B F . -11.95 -5.81 -7.03
CAF P0B F . -17.93 -8.02 -5.94
CAG P0B F . -17.12 -7.94 -4.83
CAH P0B F . -17.38 -7.94 -7.23
CAI P0B F . -16.46 -4.61 -5.63
CAJ P0B F . -13.98 -5.15 -5.91
CAK P0B F . -13.60 -7.51 -6.48
CAN P0B F . -15.73 -7.79 -5.00
CAO P0B F . -16.00 -7.78 -7.38
CAP P0B F . -15.33 -4.66 -6.47
CAQ P0B F . -15.16 -7.71 -6.28
CAR P0B F . -17.64 -4.16 -6.20
CAS P0B F . -16.56 -3.88 -8.23
FAD P0B F . -14.94 -7.73 -3.93
NAL P0B F . -15.42 -4.31 -7.74
NAM P0B F . -17.65 -3.81 -7.47
NAT P0B F . -13.37 -6.11 -6.91
OAB P0B F . -18.81 -4.06 -5.45
OAC P0B F . -16.61 -3.48 -9.62
CL1 P0B F . -15.29 -7.68 -9.02
S SO4 G . -8.20 12.93 1.64
O1 SO4 G . -8.45 14.27 1.09
O2 SO4 G . -6.93 12.42 1.13
O3 SO4 G . -8.12 13.03 3.09
O4 SO4 G . -9.27 12.03 1.24
S SO4 H . -1.25 23.16 -14.26
O1 SO4 H . 0.08 23.76 -14.17
O2 SO4 H . -1.70 23.22 -15.65
O3 SO4 H . -2.14 23.92 -13.39
O4 SO4 H . -1.23 21.76 -13.82
S SO4 I . -6.28 21.09 0.87
O1 SO4 I . -4.96 21.67 0.64
O2 SO4 I . -6.80 20.55 -0.38
O3 SO4 I . -7.19 22.11 1.37
O4 SO4 I . -6.16 20.03 1.87
S SO4 J . -25.27 -2.82 -5.86
O1 SO4 J . -24.17 -3.69 -6.26
O2 SO4 J . -25.42 -1.72 -6.80
O3 SO4 J . -25.00 -2.26 -4.53
O4 SO4 J . -26.51 -3.60 -5.84
S SO4 K . -15.85 -7.00 -24.77
O1 SO4 K . -16.73 -5.99 -25.36
O2 SO4 K . -14.46 -6.70 -25.13
O3 SO4 K . -16.20 -8.32 -25.30
O4 SO4 K . -15.99 -7.02 -23.32
#